data_3ZKL
#
_entry.id   3ZKL
#
_cell.length_a   68.045
_cell.length_b   124.049
_cell.length_c   61.334
_cell.angle_alpha   90.00
_cell.angle_beta   90.00
_cell.angle_gamma   90.00
#
_symmetry.space_group_name_H-M   'P 21 21 2'
#
loop_
_entity.id
_entity.type
_entity.pdbx_description
1 polymer 'PUTATIVE SUGAR TRANSPORTER SOLUTE-BINDING PROTEIN'
2 branched beta-D-xylopyranose-(1-4)-beta-D-xylopyranose-(1-4)-beta-D-xylopyranose
3 non-polymer 'PENTAETHYLENE GLYCOL'
4 water water
#
_entity_poly.entity_id   1
_entity_poly.type   'polypeptide(L)'
_entity_poly.pdbx_seq_one_letter_code
;GSHMASMSACGGSESSSDDKTITFWHNASAGEGRQYWENLAKSFEEANPGTKVEIQAIQNEDFAGKLQTAMQDPASGPDV
FMSLGGAKTKEMIDAGQVMDLTDKISDTVKTDMKTTLSAATFDGKVYGVPVSVEPGGMWYSKDLFKKAGVSDVPATYEEL
LADAKKLKDSGTDAIALGAKDAWPAAHWYYWLVLRECSPEVYDKSVQDHDFSNACWVNAGKKLQELKDLKVFNDGFLTTT
AQQGANSSAGLLANHKAAMELMGAWEPGVLKDLTPDQKPMADLGFFAFPEVAGGEGEPGALMGGVTYFCVNPKASQTSID
FVNYMGEKKNQEDYAKAFSTIPASEPARAVVTDESLKQVIEYLDKAPSMQLWMDTALGTNIGNALNAAVVNMLSGQGSPE
DIVKAMQDAAQKG
;
_entity_poly.pdbx_strand_id   A
#
loop_
_chem_comp.id
_chem_comp.type
_chem_comp.name
_chem_comp.formula
1PE non-polymer 'PENTAETHYLENE GLYCOL' 'C10 H22 O6'
XYP D-saccharide, beta linking beta-D-xylopyranose 'C5 H10 O5'
#
# COMPACT_ATOMS: atom_id res chain seq x y z
N ASP A 18 -3.23 20.24 -27.87
CA ASP A 18 -2.11 21.11 -27.49
C ASP A 18 -1.02 20.40 -26.67
N ASP A 19 0.12 21.08 -26.51
CA ASP A 19 1.30 20.53 -25.88
C ASP A 19 1.53 21.04 -24.45
N LYS A 20 0.90 22.17 -24.11
CA LYS A 20 0.97 22.68 -22.74
C LYS A 20 -0.23 22.16 -21.95
N THR A 21 -0.98 21.25 -22.56
CA THR A 21 -2.10 20.62 -21.89
C THR A 21 -1.83 19.14 -21.60
N ILE A 22 -1.65 18.82 -20.31
CA ILE A 22 -1.30 17.47 -19.88
C ILE A 22 -2.46 16.72 -19.22
N THR A 23 -2.52 15.42 -19.44
CA THR A 23 -3.47 14.52 -18.79
C THR A 23 -2.83 13.88 -17.55
N PHE A 24 -3.53 13.97 -16.43
CA PHE A 24 -2.99 13.50 -15.16
C PHE A 24 -3.92 12.49 -14.50
N TRP A 25 -3.39 11.29 -14.23
CA TRP A 25 -4.14 10.21 -13.61
C TRP A 25 -3.66 9.90 -12.20
N HIS A 26 -4.57 9.89 -11.23
CA HIS A 26 -4.25 9.48 -9.86
C HIS A 26 -5.35 8.59 -9.29
N ASN A 27 -5.18 8.16 -8.05
CA ASN A 27 -6.11 7.22 -7.42
C ASN A 27 -6.76 7.72 -6.11
N ALA A 28 -6.71 9.03 -5.88
CA ALA A 28 -7.32 9.61 -4.69
C ALA A 28 -8.84 9.57 -4.82
N SER A 29 -9.46 8.75 -3.99
CA SER A 29 -10.91 8.55 -4.00
C SER A 29 -11.54 9.35 -2.87
N ALA A 30 -10.79 9.46 -1.77
CA ALA A 30 -11.15 10.32 -0.66
C ALA A 30 -11.33 11.74 -1.19
N GLY A 31 -12.32 12.46 -0.66
CA GLY A 31 -12.60 13.82 -1.06
C GLY A 31 -11.46 14.77 -0.77
N GLU A 32 -10.91 14.69 0.44
CA GLU A 32 -9.75 15.52 0.79
C GLU A 32 -8.55 15.31 -0.14
N GLY A 33 -8.20 14.05 -0.37
CA GLY A 33 -7.14 13.72 -1.30
C GLY A 33 -7.44 14.25 -2.67
N ARG A 34 -8.66 13.98 -3.13
CA ARG A 34 -9.09 14.39 -4.47
C ARG A 34 -9.02 15.91 -4.62
N GLN A 35 -9.40 16.61 -3.54
CA GLN A 35 -9.40 18.07 -3.50
C GLN A 35 -7.99 18.63 -3.61
N TYR A 36 -7.07 18.03 -2.83
CA TYR A 36 -5.65 18.39 -2.84
C TYR A 36 -5.08 18.46 -4.23
N TRP A 37 -5.41 17.48 -5.06
CA TRP A 37 -4.86 17.40 -6.42
C TRP A 37 -5.40 18.52 -7.29
N GLU A 38 -6.70 18.79 -7.17
CA GLU A 38 -7.33 19.94 -7.87
C GLU A 38 -6.60 21.21 -7.51
N ASN A 39 -6.36 21.40 -6.22
CA ASN A 39 -5.66 22.59 -5.76
C ASN A 39 -4.23 22.72 -6.27
N LEU A 40 -3.51 21.61 -6.31
CA LEU A 40 -2.15 21.60 -6.83
C LEU A 40 -2.18 21.94 -8.30
N ALA A 41 -3.17 21.39 -9.01
CA ALA A 41 -3.32 21.65 -10.42
C ALA A 41 -3.52 23.15 -10.68
N LYS A 42 -4.49 23.73 -9.98
CA LYS A 42 -4.82 25.14 -10.16
C LYS A 42 -3.61 26.01 -9.87
N SER A 43 -3.00 25.81 -8.71
CA SER A 43 -1.87 26.64 -8.32
C SER A 43 -0.62 26.38 -9.19
N PHE A 44 -0.63 25.29 -9.95
CA PHE A 44 0.44 25.03 -10.89
C PHE A 44 0.21 25.78 -12.20
N GLU A 45 -1.05 25.85 -12.60
CA GLU A 45 -1.43 26.60 -13.80
C GLU A 45 -1.15 28.09 -13.62
N GLU A 46 -1.19 28.52 -12.37
CA GLU A 46 -0.95 29.91 -12.02
C GLU A 46 0.53 30.28 -12.06
N ALA A 47 1.39 29.29 -11.86
CA ALA A 47 2.83 29.54 -11.97
C ALA A 47 3.34 29.13 -13.35
N ASN A 48 2.44 28.59 -14.16
CA ASN A 48 2.77 28.13 -15.50
C ASN A 48 1.70 28.55 -16.51
N PRO A 49 1.82 29.78 -17.02
CA PRO A 49 0.90 30.41 -17.97
C PRO A 49 0.76 29.64 -19.28
N GLY A 50 -0.49 29.42 -19.71
CA GLY A 50 -0.76 28.69 -20.92
C GLY A 50 -0.98 27.20 -20.70
N THR A 51 -0.76 26.74 -19.47
CA THR A 51 -0.80 25.32 -19.15
C THR A 51 -2.06 24.88 -18.38
N LYS A 52 -2.71 23.84 -18.89
CA LYS A 52 -3.91 23.28 -18.27
C LYS A 52 -3.75 21.78 -17.88
N VAL A 53 -3.93 21.45 -16.60
CA VAL A 53 -3.91 20.07 -16.13
C VAL A 53 -5.30 19.42 -16.16
N GLU A 54 -5.50 18.43 -17.04
CA GLU A 54 -6.77 17.71 -17.08
C GLU A 54 -6.70 16.45 -16.21
N ILE A 55 -7.54 16.39 -15.18
CA ILE A 55 -7.42 15.35 -14.15
C ILE A 55 -8.43 14.19 -14.32
N GLN A 56 -7.95 12.97 -14.13
CA GLN A 56 -8.81 11.80 -13.97
C GLN A 56 -8.48 11.17 -12.64
N ALA A 57 -9.48 11.00 -11.79
CA ALA A 57 -9.32 10.30 -10.55
C ALA A 57 -9.90 8.93 -10.80
N ILE A 58 -9.10 7.89 -10.55
CA ILE A 58 -9.51 6.52 -10.83
C ILE A 58 -9.48 5.70 -9.56
N GLN A 59 -10.57 4.97 -9.27
CA GLN A 59 -10.58 4.07 -8.11
C GLN A 59 -9.43 3.06 -8.22
N ASN A 60 -8.75 2.83 -7.10
CA ASN A 60 -7.51 2.05 -7.08
C ASN A 60 -7.61 0.66 -7.68
N GLU A 61 -8.74 -0.01 -7.46
CA GLU A 61 -8.91 -1.37 -7.93
C GLU A 61 -9.11 -1.40 -9.44
N ASP A 62 -9.34 -0.23 -10.04
CA ASP A 62 -9.47 -0.11 -11.49
C ASP A 62 -8.20 0.44 -12.17
N PHE A 63 -7.24 0.89 -11.38
CA PHE A 63 -6.20 1.73 -11.93
C PHE A 63 -5.25 0.96 -12.83
N ALA A 64 -4.87 -0.27 -12.45
CA ALA A 64 -3.89 -1.03 -13.23
C ALA A 64 -4.47 -1.32 -14.62
N GLY A 65 -5.74 -1.70 -14.66
CA GLY A 65 -6.36 -2.09 -15.90
C GLY A 65 -6.40 -0.95 -16.87
N LYS A 66 -6.76 0.23 -16.39
CA LYS A 66 -6.97 1.37 -17.26
C LYS A 66 -5.64 1.87 -17.74
N LEU A 67 -4.66 1.85 -16.85
CA LEU A 67 -3.31 2.27 -17.20
C LEU A 67 -2.73 1.33 -18.25
N GLN A 68 -2.82 0.03 -17.99
CA GLN A 68 -2.17 -0.94 -18.86
C GLN A 68 -2.84 -1.00 -20.23
N THR A 69 -4.11 -0.63 -20.29
CA THR A 69 -4.83 -0.52 -21.55
C THR A 69 -4.46 0.76 -22.30
N ALA A 70 -4.55 1.89 -21.62
CA ALA A 70 -4.23 3.18 -22.23
C ALA A 70 -2.81 3.21 -22.78
N MET A 71 -1.86 2.72 -21.98
CA MET A 71 -0.45 2.86 -22.32
C MET A 71 0.03 1.87 -23.38
N GLN A 72 -0.89 1.07 -23.90
CA GLN A 72 -0.62 0.27 -25.08
C GLN A 72 -0.30 1.22 -26.25
N ASP A 73 -0.98 2.38 -26.25
CA ASP A 73 -0.69 3.44 -27.21
C ASP A 73 -0.28 4.72 -26.49
N PRO A 74 1.01 4.85 -26.13
CA PRO A 74 1.51 5.96 -25.31
C PRO A 74 1.09 7.34 -25.81
N ALA A 75 0.93 7.50 -27.13
CA ALA A 75 0.50 8.76 -27.74
C ALA A 75 -0.85 9.25 -27.21
N SER A 76 -1.78 8.31 -27.01
CA SER A 76 -3.14 8.60 -26.55
C SER A 76 -3.35 8.17 -25.11
N GLY A 77 -2.33 8.35 -24.28
CA GLY A 77 -2.43 7.95 -22.90
C GLY A 77 -2.01 9.08 -21.98
N PRO A 78 -2.24 8.92 -20.67
CA PRO A 78 -1.94 9.96 -19.69
C PRO A 78 -0.48 10.43 -19.74
N ASP A 79 -0.32 11.74 -19.68
CA ASP A 79 1.00 12.33 -19.59
C ASP A 79 1.65 12.02 -18.24
N VAL A 80 0.84 12.06 -17.18
CA VAL A 80 1.34 11.86 -15.83
C VAL A 80 0.43 10.90 -15.08
N PHE A 81 0.99 9.82 -14.52
CA PHE A 81 0.19 8.81 -13.82
C PHE A 81 0.87 8.24 -12.57
N MET A 82 0.06 7.69 -11.67
CA MET A 82 0.56 7.05 -10.47
C MET A 82 1.17 5.73 -10.88
N SER A 83 2.27 5.35 -10.22
CA SER A 83 2.93 4.12 -10.56
C SER A 83 2.34 2.93 -9.82
N LEU A 84 2.28 1.80 -10.52
CA LEU A 84 1.88 0.52 -9.95
C LEU A 84 2.93 -0.02 -8.97
N GLY A 85 4.17 0.43 -9.09
CA GLY A 85 5.21 0.07 -8.15
C GLY A 85 5.91 -1.27 -8.42
N GLY A 86 7.13 -1.39 -7.88
CA GLY A 86 7.91 -2.62 -7.90
C GLY A 86 8.11 -3.22 -9.28
N ALA A 87 7.88 -4.53 -9.38
CA ALA A 87 8.00 -5.24 -10.64
C ALA A 87 7.00 -4.74 -11.66
N LYS A 88 5.86 -4.25 -11.17
CA LYS A 88 4.83 -3.75 -12.07
C LYS A 88 5.29 -2.47 -12.77
N THR A 89 6.02 -1.61 -12.06
CA THR A 89 6.64 -0.47 -12.73
C THR A 89 7.70 -0.97 -13.74
N LYS A 90 8.47 -1.98 -13.34
CA LYS A 90 9.48 -2.57 -14.20
C LYS A 90 8.90 -3.11 -15.49
N GLU A 91 7.74 -3.78 -15.41
CA GLU A 91 7.07 -4.24 -16.62
C GLU A 91 6.77 -3.09 -17.58
N MET A 92 6.44 -1.91 -17.04
CA MET A 92 6.04 -0.78 -17.88
C MET A 92 7.25 -0.11 -18.55
N ILE A 93 8.30 0.10 -17.77
CA ILE A 93 9.61 0.45 -18.29
C ILE A 93 10.02 -0.46 -19.48
N ASP A 94 10.12 -1.78 -19.27
CA ASP A 94 10.48 -2.69 -20.38
C ASP A 94 9.50 -2.63 -21.56
N ALA A 95 8.34 -2.02 -21.37
CA ALA A 95 7.43 -1.89 -22.50
C ALA A 95 7.61 -0.52 -23.15
N GLY A 96 8.58 0.23 -22.62
CA GLY A 96 8.77 1.61 -23.02
C GLY A 96 7.55 2.47 -22.76
N GLN A 97 6.96 2.35 -21.58
CA GLN A 97 5.79 3.17 -21.24
C GLN A 97 6.08 4.15 -20.12
N VAL A 98 7.35 4.32 -19.78
CA VAL A 98 7.78 5.17 -18.67
C VAL A 98 9.07 5.92 -18.99
N MET A 99 8.96 7.25 -19.08
CA MET A 99 10.11 8.12 -19.35
C MET A 99 11.16 8.10 -18.23
N ASP A 100 12.43 8.14 -18.64
CA ASP A 100 13.57 8.20 -17.72
C ASP A 100 13.77 9.63 -17.19
N LEU A 101 13.58 9.81 -15.88
CA LEU A 101 13.60 11.15 -15.27
C LEU A 101 14.88 11.42 -14.49
N THR A 102 15.90 10.61 -14.70
CA THR A 102 17.17 10.74 -13.97
C THR A 102 17.78 12.14 -14.05
N ASP A 103 17.87 12.65 -15.27
CA ASP A 103 18.45 13.98 -15.49
C ASP A 103 17.35 15.03 -15.50
N LYS A 104 16.16 14.64 -15.04
CA LYS A 104 15.03 15.53 -15.15
C LYS A 104 14.41 15.94 -13.82
N ILE A 105 14.55 15.12 -12.79
CA ILE A 105 14.02 15.53 -11.48
C ILE A 105 14.77 16.75 -10.93
N SER A 106 14.12 17.51 -10.07
CA SER A 106 14.73 18.73 -9.54
C SER A 106 15.75 18.38 -8.45
N ASP A 107 16.52 19.38 -8.03
CA ASP A 107 17.46 19.18 -6.95
C ASP A 107 16.75 19.04 -5.61
N THR A 108 15.54 19.57 -5.52
CA THR A 108 14.76 19.49 -4.29
C THR A 108 14.24 18.07 -4.10
N VAL A 109 13.90 17.43 -5.21
CA VAL A 109 13.50 16.03 -5.20
C VAL A 109 14.69 15.16 -4.80
N LYS A 110 15.80 15.32 -5.51
CA LYS A 110 17.03 14.56 -5.24
C LYS A 110 17.39 14.64 -3.76
N THR A 111 17.39 15.85 -3.22
CA THR A 111 17.81 16.05 -1.85
C THR A 111 16.81 15.51 -0.83
N ASP A 112 15.54 15.86 -0.97
CA ASP A 112 14.55 15.59 0.08
C ASP A 112 13.95 14.17 0.03
N MET A 113 13.99 13.56 -1.15
CA MET A 113 13.51 12.19 -1.33
C MET A 113 14.65 11.16 -1.42
N LYS A 114 15.73 11.39 -0.67
CA LYS A 114 16.92 10.52 -0.69
C LYS A 114 16.54 9.07 -0.41
N THR A 115 15.96 8.85 0.77
CA THR A 115 15.51 7.52 1.15
C THR A 115 14.49 6.97 0.15
N THR A 116 13.38 7.68 -0.04
CA THR A 116 12.24 7.16 -0.81
C THR A 116 12.47 6.90 -2.31
N LEU A 117 13.39 7.64 -2.94
CA LEU A 117 13.61 7.52 -4.39
C LEU A 117 14.07 6.14 -4.90
N SER A 118 14.62 5.31 -4.01
CA SER A 118 15.08 3.97 -4.41
C SER A 118 13.95 3.03 -4.84
N ALA A 119 12.75 3.30 -4.35
CA ALA A 119 11.56 2.55 -4.77
C ALA A 119 11.26 2.81 -6.24
N ALA A 120 11.73 3.96 -6.74
CA ALA A 120 11.48 4.38 -8.11
C ALA A 120 12.70 4.21 -8.99
N THR A 121 13.75 3.64 -8.44
CA THR A 121 14.99 3.50 -9.19
C THR A 121 15.20 2.07 -9.69
N PHE A 122 15.47 1.95 -10.98
CA PHE A 122 15.65 0.67 -11.67
C PHE A 122 16.85 0.74 -12.61
N ASP A 123 17.82 -0.16 -12.44
CA ASP A 123 19.05 -0.15 -13.25
C ASP A 123 19.73 1.21 -13.13
N GLY A 124 19.81 1.75 -11.91
CA GLY A 124 20.37 3.07 -11.70
C GLY A 124 19.63 4.26 -12.29
N LYS A 125 18.42 4.07 -12.81
CA LYS A 125 17.65 5.19 -13.39
C LYS A 125 16.38 5.55 -12.60
N VAL A 126 16.17 6.86 -12.41
CA VAL A 126 14.96 7.33 -11.72
C VAL A 126 13.77 7.45 -12.66
N TYR A 127 12.66 6.82 -12.29
CA TYR A 127 11.47 6.84 -13.15
C TYR A 127 10.24 7.56 -12.57
N GLY A 128 10.37 8.14 -11.38
CA GLY A 128 9.23 8.83 -10.76
C GLY A 128 9.54 9.68 -9.55
N VAL A 129 8.60 10.54 -9.18
CA VAL A 129 8.72 11.38 -7.98
C VAL A 129 7.86 10.84 -6.84
N PRO A 130 8.47 10.44 -5.72
CA PRO A 130 7.69 9.93 -4.58
C PRO A 130 6.87 11.05 -3.91
N VAL A 131 5.64 10.73 -3.49
CA VAL A 131 4.84 11.67 -2.70
C VAL A 131 4.51 11.18 -1.30
N SER A 132 4.67 9.86 -1.08
CA SER A 132 4.44 9.34 0.26
C SER A 132 5.10 7.98 0.45
N VAL A 133 5.37 7.65 1.72
CA VAL A 133 5.89 6.34 2.08
C VAL A 133 4.93 5.71 3.07
N GLU A 134 4.48 4.50 2.77
CA GLU A 134 3.39 3.90 3.53
C GLU A 134 3.63 2.48 4.04
N PRO A 135 4.33 2.35 5.19
CA PRO A 135 4.62 1.03 5.74
C PRO A 135 3.36 0.38 6.28
N GLY A 136 3.37 -0.93 6.48
CA GLY A 136 2.17 -1.65 6.83
C GLY A 136 2.17 -2.12 8.26
N GLY A 137 0.97 -2.39 8.79
CA GLY A 137 0.83 -2.96 10.11
C GLY A 137 -0.62 -3.02 10.50
N MET A 138 -0.86 -3.00 11.81
CA MET A 138 -2.20 -3.20 12.30
C MET A 138 -2.79 -1.88 12.78
N TRP A 139 -4.00 -1.59 12.30
CA TRP A 139 -4.68 -0.38 12.71
C TRP A 139 -5.87 -0.85 13.52
N TYR A 140 -6.01 -0.33 14.72
CA TYR A 140 -6.99 -0.90 15.65
C TYR A 140 -7.80 0.16 16.40
N SER A 141 -9.02 -0.23 16.78
CA SER A 141 -9.85 0.59 17.66
C SER A 141 -9.45 0.34 19.12
N LYS A 142 -8.72 1.29 19.71
CA LYS A 142 -8.34 1.17 21.12
C LYS A 142 -9.56 0.91 21.99
N ASP A 143 -10.67 1.59 21.68
CA ASP A 143 -11.91 1.41 22.44
C ASP A 143 -12.42 -0.02 22.42
N LEU A 144 -12.63 -0.58 21.24
CA LEU A 144 -13.11 -1.96 21.14
C LEU A 144 -12.13 -2.90 21.83
N PHE A 145 -10.88 -2.47 21.98
CA PHE A 145 -9.86 -3.28 22.64
C PHE A 145 -10.08 -3.30 24.15
N LYS A 146 -10.35 -2.11 24.71
CA LYS A 146 -10.68 -1.97 26.14
C LYS A 146 -11.93 -2.76 26.48
N LYS A 147 -12.97 -2.62 25.65
CA LYS A 147 -14.23 -3.32 25.86
C LYS A 147 -14.12 -4.85 25.84
N ALA A 148 -13.02 -5.38 25.31
CA ALA A 148 -12.83 -6.83 25.24
C ALA A 148 -11.80 -7.35 26.23
N GLY A 149 -11.15 -6.44 26.96
CA GLY A 149 -10.22 -6.83 28.01
C GLY A 149 -8.78 -6.95 27.56
N VAL A 150 -8.46 -6.31 26.44
CA VAL A 150 -7.10 -6.31 25.93
C VAL A 150 -6.45 -4.97 26.24
N SER A 151 -5.49 -4.99 27.17
CA SER A 151 -4.94 -3.75 27.72
C SER A 151 -3.65 -3.38 27.03
N ASP A 152 -2.94 -4.37 26.53
CA ASP A 152 -1.71 -4.15 25.80
C ASP A 152 -1.84 -4.72 24.40
N VAL A 153 -1.06 -4.17 23.47
CA VAL A 153 -1.08 -4.69 22.11
C VAL A 153 -0.18 -5.93 22.07
N PRO A 154 -0.60 -6.96 21.30
CA PRO A 154 0.11 -8.24 21.25
C PRO A 154 1.46 -8.18 20.54
N ALA A 155 2.52 -8.59 21.22
CA ALA A 155 3.84 -8.61 20.62
C ALA A 155 4.07 -9.92 19.85
N THR A 156 3.15 -10.87 20.01
CA THR A 156 3.28 -12.15 19.32
C THR A 156 2.02 -12.55 18.56
N TYR A 157 2.21 -13.43 17.58
CA TYR A 157 1.11 -13.94 16.76
C TYR A 157 0.07 -14.68 17.61
N GLU A 158 0.52 -15.62 18.45
CA GLU A 158 -0.38 -16.39 19.30
C GLU A 158 -1.17 -15.50 20.25
N GLU A 159 -0.50 -14.48 20.77
CA GLU A 159 -1.13 -13.49 21.63
C GLU A 159 -2.21 -12.73 20.87
N LEU A 160 -1.93 -12.44 19.60
CA LEU A 160 -2.89 -11.77 18.71
C LEU A 160 -4.15 -12.62 18.50
N LEU A 161 -3.96 -13.91 18.27
CA LEU A 161 -5.05 -14.86 18.06
C LEU A 161 -5.88 -15.02 19.33
N ALA A 162 -5.27 -14.75 20.48
CA ALA A 162 -5.96 -14.78 21.75
C ALA A 162 -6.81 -13.53 21.90
N ASP A 163 -6.25 -12.38 21.51
CA ASP A 163 -7.00 -11.13 21.51
C ASP A 163 -8.19 -11.20 20.55
N ALA A 164 -8.06 -11.95 19.47
CA ALA A 164 -9.19 -12.18 18.58
C ALA A 164 -10.27 -12.98 19.28
N LYS A 165 -9.83 -13.93 20.13
CA LYS A 165 -10.73 -14.75 20.94
C LYS A 165 -11.52 -13.86 21.93
N LYS A 166 -10.82 -12.97 22.62
CA LYS A 166 -11.44 -12.02 23.55
C LYS A 166 -12.45 -11.11 22.85
N LEU A 167 -12.02 -10.54 21.72
CA LEU A 167 -12.83 -9.62 20.94
C LEU A 167 -14.05 -10.27 20.36
N LYS A 168 -13.95 -11.54 20.00
CA LYS A 168 -15.10 -12.26 19.44
C LYS A 168 -16.16 -12.47 20.53
N ASP A 169 -15.70 -12.88 21.70
CA ASP A 169 -16.56 -13.07 22.86
C ASP A 169 -17.26 -11.77 23.25
N SER A 170 -16.50 -10.68 23.35
CA SER A 170 -17.08 -9.37 23.66
C SER A 170 -18.09 -8.90 22.63
N GLY A 171 -18.32 -9.70 21.59
CA GLY A 171 -19.38 -9.45 20.64
C GLY A 171 -19.07 -8.56 19.46
N THR A 172 -17.78 -8.38 19.14
CA THR A 172 -17.38 -7.65 17.95
C THR A 172 -16.61 -8.55 16.98
N ASP A 173 -16.71 -8.24 15.70
CA ASP A 173 -15.84 -8.88 14.71
C ASP A 173 -14.42 -8.37 14.93
N ALA A 174 -13.53 -9.29 15.32
CA ALA A 174 -12.16 -8.93 15.69
C ALA A 174 -11.40 -8.24 14.54
N ILE A 175 -11.43 -8.86 13.36
CA ILE A 175 -10.62 -8.43 12.25
C ILE A 175 -11.48 -8.13 11.03
N ALA A 176 -11.35 -6.92 10.49
CA ALA A 176 -12.00 -6.57 9.24
C ALA A 176 -11.09 -6.98 8.09
N LEU A 177 -11.67 -7.61 7.07
CA LEU A 177 -10.91 -8.17 5.98
C LEU A 177 -11.56 -7.92 4.63
N GLY A 178 -10.92 -7.11 3.79
CA GLY A 178 -11.48 -6.73 2.50
C GLY A 178 -11.25 -7.73 1.38
N ALA A 179 -11.54 -9.00 1.65
CA ALA A 179 -11.12 -10.12 0.80
C ALA A 179 -11.63 -10.07 -0.65
N LYS A 180 -12.70 -9.33 -0.90
CA LYS A 180 -13.26 -9.19 -2.26
C LYS A 180 -12.23 -8.58 -3.21
N ASP A 181 -11.31 -7.79 -2.66
CA ASP A 181 -10.28 -7.17 -3.48
C ASP A 181 -9.00 -8.02 -3.62
N ALA A 182 -8.98 -9.20 -2.99
CA ALA A 182 -7.83 -10.16 -3.00
C ALA A 182 -6.61 -9.77 -2.15
N TRP A 183 -5.93 -8.68 -2.52
CA TRP A 183 -4.75 -8.23 -1.78
C TRP A 183 -4.94 -8.00 -0.26
N PRO A 184 -6.10 -7.47 0.18
CA PRO A 184 -6.18 -7.29 1.64
C PRO A 184 -6.03 -8.59 2.43
N ALA A 185 -6.58 -9.68 1.88
CA ALA A 185 -6.44 -11.01 2.45
C ALA A 185 -4.97 -11.42 2.42
N ALA A 186 -4.39 -11.35 1.23
CA ALA A 186 -3.00 -11.72 1.01
C ALA A 186 -2.04 -11.00 1.96
N HIS A 187 -2.33 -9.75 2.32
CA HIS A 187 -1.45 -9.04 3.25
C HIS A 187 -1.15 -9.82 4.54
N TRP A 188 -2.14 -10.58 5.03
CA TRP A 188 -1.91 -11.47 6.15
C TRP A 188 -0.83 -12.50 5.82
N TYR A 189 -0.96 -13.10 4.64
CA TYR A 189 0.00 -14.06 4.13
C TYR A 189 1.38 -13.46 3.94
N TYR A 190 1.43 -12.25 3.37
CA TYR A 190 2.73 -11.62 3.08
C TYR A 190 3.48 -11.47 4.39
N TRP A 191 2.79 -10.94 5.40
CA TRP A 191 3.43 -10.66 6.69
C TRP A 191 3.89 -11.92 7.41
N LEU A 192 3.13 -13.00 7.27
CA LEU A 192 3.46 -14.27 7.87
C LEU A 192 4.74 -14.79 7.25
N VAL A 193 4.82 -14.75 5.92
CA VAL A 193 6.03 -15.13 5.19
C VAL A 193 7.22 -14.28 5.64
N LEU A 194 7.02 -12.99 5.78
CA LEU A 194 8.14 -12.12 6.10
C LEU A 194 8.68 -12.39 7.52
N ARG A 195 7.80 -12.91 8.38
CA ARG A 195 8.17 -13.31 9.74
C ARG A 195 8.69 -14.76 9.85
N GLU A 196 8.25 -15.63 8.94
CA GLU A 196 8.71 -17.02 8.93
C GLU A 196 10.02 -17.18 8.16
N CYS A 197 10.09 -16.59 6.98
CA CYS A 197 11.25 -16.76 6.13
C CYS A 197 12.43 -15.94 6.59
N SER A 198 13.60 -16.55 6.55
CA SER A 198 14.83 -15.86 6.82
C SER A 198 14.96 -14.80 5.76
N PRO A 199 15.61 -13.67 6.11
CA PRO A 199 15.76 -12.54 5.19
C PRO A 199 16.40 -12.94 3.88
N GLU A 200 17.23 -13.97 3.92
CA GLU A 200 17.97 -14.42 2.75
C GLU A 200 17.11 -15.29 1.86
N VAL A 201 16.40 -16.24 2.47
CA VAL A 201 15.39 -17.01 1.74
C VAL A 201 14.31 -16.09 1.19
N TYR A 202 13.87 -15.11 1.99
CA TYR A 202 12.86 -14.17 1.50
C TYR A 202 13.33 -13.44 0.26
N ASP A 203 14.45 -12.73 0.40
CA ASP A 203 14.94 -11.84 -0.66
C ASP A 203 15.18 -12.61 -1.95
N LYS A 204 15.74 -13.81 -1.79
CA LYS A 204 16.10 -14.69 -2.90
C LYS A 204 14.86 -15.25 -3.60
N SER A 205 13.92 -15.75 -2.79
CA SER A 205 12.62 -16.19 -3.28
C SER A 205 11.95 -15.12 -4.14
N VAL A 206 11.94 -13.89 -3.64
CA VAL A 206 11.24 -12.81 -4.34
C VAL A 206 11.89 -12.49 -5.67
N GLN A 207 13.20 -12.30 -5.67
CA GLN A 207 13.95 -12.12 -6.92
C GLN A 207 13.96 -13.31 -7.89
N ASP A 208 14.15 -14.53 -7.38
CA ASP A 208 14.28 -15.69 -8.26
C ASP A 208 12.95 -16.34 -8.61
N HIS A 209 11.87 -15.89 -7.97
CA HIS A 209 10.56 -16.51 -8.12
C HIS A 209 10.68 -18.00 -7.78
N ASP A 210 11.35 -18.27 -6.67
CA ASP A 210 11.48 -19.62 -6.15
C ASP A 210 10.77 -19.65 -4.81
N PHE A 211 9.84 -20.58 -4.66
CA PHE A 211 9.00 -20.65 -3.48
C PHE A 211 9.01 -22.04 -2.83
N SER A 212 10.16 -22.71 -2.87
CA SER A 212 10.25 -24.10 -2.45
C SER A 212 10.41 -24.27 -0.94
N ASN A 213 10.99 -23.25 -0.30
CA ASN A 213 11.23 -23.30 1.13
C ASN A 213 9.95 -23.53 1.92
N ALA A 214 10.07 -24.28 3.02
CA ALA A 214 8.91 -24.70 3.80
C ALA A 214 8.25 -23.53 4.53
N CYS A 215 8.97 -22.42 4.64
CA CYS A 215 8.44 -21.22 5.27
C CYS A 215 7.23 -20.64 4.50
N TRP A 216 7.16 -20.92 3.20
CA TRP A 216 6.02 -20.53 2.38
C TRP A 216 4.76 -21.31 2.75
N VAL A 217 4.92 -22.59 3.05
CA VAL A 217 3.79 -23.41 3.49
C VAL A 217 3.50 -23.15 4.97
N ASN A 218 4.58 -23.02 5.76
CA ASN A 218 4.43 -22.66 7.17
C ASN A 218 3.51 -21.49 7.36
N ALA A 219 3.78 -20.45 6.58
CA ALA A 219 3.02 -19.20 6.60
C ALA A 219 1.53 -19.43 6.38
N GLY A 220 1.19 -20.21 5.36
CA GLY A 220 -0.21 -20.52 5.07
C GLY A 220 -0.90 -21.31 6.18
N LYS A 221 -0.16 -22.23 6.78
CA LYS A 221 -0.65 -22.98 7.93
C LYS A 221 -1.02 -22.02 9.05
N LYS A 222 -0.07 -21.17 9.43
CA LYS A 222 -0.34 -20.13 10.42
C LYS A 222 -1.52 -19.22 10.00
N LEU A 223 -1.82 -19.19 8.70
CA LEU A 223 -2.94 -18.40 8.22
C LEU A 223 -4.23 -19.21 8.30
N GLN A 224 -4.16 -20.49 7.95
CA GLN A 224 -5.29 -21.42 8.11
C GLN A 224 -5.81 -21.38 9.54
N GLU A 225 -4.88 -21.37 10.47
CA GLU A 225 -5.18 -21.34 11.90
C GLU A 225 -6.04 -20.13 12.27
N LEU A 226 -5.69 -18.95 11.72
CA LEU A 226 -6.49 -17.76 11.92
C LEU A 226 -7.87 -17.94 11.32
N LYS A 227 -7.94 -18.46 10.09
CA LYS A 227 -9.21 -18.73 9.43
C LYS A 227 -10.10 -19.61 10.30
N ASP A 228 -9.51 -20.66 10.85
CA ASP A 228 -10.23 -21.63 11.69
C ASP A 228 -10.87 -20.99 12.93
N LEU A 229 -10.27 -19.90 13.42
CA LEU A 229 -10.81 -19.17 14.57
C LEU A 229 -12.08 -18.40 14.23
N LYS A 230 -12.45 -18.39 12.94
CA LYS A 230 -13.65 -17.69 12.45
C LYS A 230 -13.91 -16.32 13.11
N VAL A 231 -12.91 -15.45 13.03
CA VAL A 231 -12.94 -14.13 13.65
C VAL A 231 -12.90 -13.00 12.62
N PHE A 232 -13.17 -13.31 11.35
CA PHE A 232 -13.29 -12.28 10.32
C PHE A 232 -14.71 -11.75 10.34
N ASN A 233 -14.92 -10.55 9.79
CA ASN A 233 -16.29 -10.12 9.53
C ASN A 233 -16.96 -11.11 8.59
N ASP A 234 -18.25 -11.32 8.79
CA ASP A 234 -18.91 -12.48 8.21
C ASP A 234 -19.00 -12.47 6.69
N GLY A 235 -19.10 -11.28 6.10
CA GLY A 235 -19.10 -11.13 4.65
C GLY A 235 -17.74 -10.78 4.04
N PHE A 236 -16.65 -11.21 4.69
CA PHE A 236 -15.31 -10.79 4.27
C PHE A 236 -15.04 -11.11 2.80
N LEU A 237 -15.63 -12.18 2.30
CA LEU A 237 -15.43 -12.56 0.90
C LEU A 237 -16.06 -11.56 -0.07
N THR A 238 -17.10 -10.85 0.36
CA THR A 238 -17.71 -9.85 -0.50
C THR A 238 -17.37 -8.43 -0.06
N THR A 239 -16.55 -8.30 0.96
CA THR A 239 -16.13 -7.00 1.45
C THR A 239 -14.95 -6.45 0.63
N THR A 240 -15.12 -5.30 0.00
CA THR A 240 -13.97 -4.59 -0.60
C THR A 240 -13.18 -3.92 0.51
N ALA A 241 -12.06 -3.30 0.15
CA ALA A 241 -11.17 -2.70 1.14
C ALA A 241 -11.49 -1.25 1.44
N GLN A 242 -11.83 -0.48 0.41
CA GLN A 242 -11.91 0.97 0.56
C GLN A 242 -13.19 1.63 0.01
N GLN A 243 -14.14 0.81 -0.45
CA GLN A 243 -15.34 1.35 -1.10
C GLN A 243 -16.60 1.21 -0.27
N GLY A 244 -17.03 2.32 0.31
CA GLY A 244 -18.30 2.32 1.05
C GLY A 244 -18.12 2.09 2.53
N ALA A 245 -19.22 2.23 3.27
CA ALA A 245 -19.20 2.05 4.71
C ALA A 245 -18.99 0.60 5.12
N ASN A 246 -19.36 -0.33 4.25
CA ASN A 246 -19.22 -1.74 4.56
C ASN A 246 -17.92 -2.35 4.03
N SER A 247 -17.14 -1.53 3.32
CA SER A 247 -15.75 -1.88 3.02
C SER A 247 -15.02 -2.10 4.33
N SER A 248 -13.88 -2.77 4.26
CA SER A 248 -13.18 -3.17 5.47
C SER A 248 -12.63 -1.98 6.27
N ALA A 249 -12.21 -0.92 5.58
CA ALA A 249 -11.85 0.32 6.25
C ALA A 249 -13.12 0.99 6.85
N GLY A 250 -14.23 0.85 6.14
CA GLY A 250 -15.51 1.36 6.61
C GLY A 250 -15.87 0.73 7.95
N LEU A 251 -15.69 -0.59 8.06
CA LEU A 251 -16.06 -1.31 9.26
C LEU A 251 -15.18 -0.88 10.41
N LEU A 252 -13.90 -0.67 10.14
CA LEU A 252 -13.00 -0.21 11.19
C LEU A 252 -13.34 1.20 11.62
N ALA A 253 -13.59 2.06 10.64
CA ALA A 253 -13.83 3.48 10.89
C ALA A 253 -15.11 3.69 11.71
N ASN A 254 -16.06 2.78 11.54
CA ASN A 254 -17.35 2.89 12.21
C ASN A 254 -17.47 1.93 13.40
N HIS A 255 -16.33 1.44 13.85
CA HIS A 255 -16.29 0.55 15.01
C HIS A 255 -17.26 -0.62 14.89
N LYS A 256 -17.35 -1.20 13.69
CA LYS A 256 -18.11 -2.43 13.48
C LYS A 256 -17.13 -3.62 13.47
N ALA A 257 -15.85 -3.30 13.39
CA ALA A 257 -14.80 -4.29 13.52
C ALA A 257 -13.62 -3.67 14.27
N ALA A 258 -12.75 -4.51 14.84
CA ALA A 258 -11.77 -4.01 15.82
C ALA A 258 -10.37 -3.67 15.26
N MET A 259 -9.97 -4.32 14.17
CA MET A 259 -8.66 -4.07 13.58
C MET A 259 -8.61 -4.43 12.10
N GLU A 260 -7.60 -3.92 11.41
CA GLU A 260 -7.35 -4.23 9.99
C GLU A 260 -5.84 -4.17 9.70
N LEU A 261 -5.36 -5.03 8.79
CA LEU A 261 -3.94 -5.05 8.40
C LEU A 261 -3.72 -4.33 7.08
N MET A 262 -2.97 -3.23 7.09
CA MET A 262 -3.00 -2.28 5.97
C MET A 262 -1.78 -1.38 5.96
N GLY A 263 -1.56 -0.73 4.82
CA GLY A 263 -0.55 0.31 4.70
C GLY A 263 -0.94 1.63 5.37
N ALA A 264 0.04 2.52 5.49
CA ALA A 264 -0.13 3.76 6.25
C ALA A 264 -0.96 4.80 5.51
N TRP A 265 -1.57 4.43 4.39
CA TRP A 265 -2.59 5.27 3.78
C TRP A 265 -3.86 5.24 4.63
N GLU A 266 -3.88 4.31 5.58
CA GLU A 266 -5.06 3.95 6.35
C GLU A 266 -5.80 5.12 7.07
N PRO A 267 -5.09 5.93 7.87
CA PRO A 267 -5.77 7.04 8.58
C PRO A 267 -6.56 7.97 7.66
N GLY A 268 -6.00 8.33 6.51
CA GLY A 268 -6.66 9.17 5.55
C GLY A 268 -7.85 8.49 4.90
N VAL A 269 -7.83 7.16 4.84
CA VAL A 269 -8.96 6.43 4.28
C VAL A 269 -10.07 6.39 5.31
N LEU A 270 -9.71 6.05 6.55
CA LEU A 270 -10.67 6.00 7.65
C LEU A 270 -11.30 7.39 7.86
N LYS A 271 -10.47 8.42 7.77
CA LYS A 271 -10.88 9.80 7.95
C LYS A 271 -11.98 10.16 6.98
N ASP A 272 -12.02 9.43 5.86
CA ASP A 272 -12.96 9.72 4.78
C ASP A 272 -14.23 8.89 4.96
N LEU A 273 -14.20 7.95 5.91
CA LEU A 273 -15.27 6.97 6.04
C LEU A 273 -16.01 7.02 7.40
N THR A 274 -15.50 7.82 8.34
CA THR A 274 -16.14 8.01 9.62
C THR A 274 -17.40 8.83 9.41
N PRO A 275 -18.38 8.73 10.33
CA PRO A 275 -19.65 9.45 10.21
C PRO A 275 -19.53 10.96 9.97
N ASP A 276 -18.45 11.58 10.42
CA ASP A 276 -18.28 13.02 10.27
C ASP A 276 -17.12 13.40 9.35
N GLN A 277 -16.51 12.40 8.73
CA GLN A 277 -15.31 12.58 7.93
C GLN A 277 -14.23 13.37 8.66
N LYS A 278 -14.03 13.00 9.92
CA LYS A 278 -12.97 13.53 10.75
C LYS A 278 -12.18 12.31 11.14
N PRO A 279 -10.91 12.49 11.54
CA PRO A 279 -10.10 11.32 11.92
C PRO A 279 -10.81 10.42 12.94
N MET A 280 -10.48 9.14 12.87
CA MET A 280 -11.02 8.16 13.79
C MET A 280 -10.49 8.41 15.21
N ALA A 281 -11.40 8.79 16.11
CA ALA A 281 -11.06 9.18 17.47
C ALA A 281 -10.06 8.26 18.20
N ASP A 282 -10.28 6.95 18.13
CA ASP A 282 -9.49 6.02 18.93
C ASP A 282 -8.54 5.17 18.11
N LEU A 283 -8.15 5.67 16.94
CA LEU A 283 -7.27 4.91 16.05
C LEU A 283 -5.92 4.69 16.72
N GLY A 284 -5.48 3.44 16.75
CA GLY A 284 -4.16 3.13 17.22
C GLY A 284 -3.44 2.23 16.23
N PHE A 285 -2.12 2.20 16.31
CA PHE A 285 -1.30 1.32 15.50
C PHE A 285 -0.41 0.42 16.36
N PHE A 286 -0.17 -0.79 15.88
CA PHE A 286 0.95 -1.64 16.34
C PHE A 286 1.50 -2.49 15.20
N ALA A 287 2.81 -2.71 15.22
CA ALA A 287 3.49 -3.50 14.19
C ALA A 287 2.88 -4.88 14.06
N PHE A 288 3.19 -5.57 12.98
CA PHE A 288 2.76 -6.94 12.87
C PHE A 288 3.52 -7.69 13.95
N PRO A 289 2.81 -8.57 14.69
CA PRO A 289 3.44 -9.27 15.81
C PRO A 289 4.58 -10.19 15.39
N GLU A 290 5.38 -10.63 16.35
CA GLU A 290 6.44 -11.59 16.05
C GLU A 290 5.85 -12.98 16.02
N VAL A 291 6.49 -13.88 15.28
CA VAL A 291 5.99 -15.25 15.19
C VAL A 291 6.98 -16.29 15.71
N ALA A 292 6.54 -17.02 16.74
CA ALA A 292 7.38 -18.02 17.41
C ALA A 292 7.90 -19.02 16.42
N GLY A 293 9.22 -19.16 16.36
CA GLY A 293 9.85 -20.11 15.48
C GLY A 293 10.01 -19.58 14.07
N GLY A 294 9.74 -18.28 13.90
CA GLY A 294 9.93 -17.67 12.60
C GLY A 294 11.36 -17.22 12.47
N GLU A 295 11.89 -17.27 11.25
CA GLU A 295 13.28 -16.89 10.98
C GLU A 295 13.44 -15.48 10.43
N GLY A 296 12.34 -14.71 10.41
CA GLY A 296 12.38 -13.38 9.83
C GLY A 296 13.15 -12.40 10.69
N GLU A 297 13.87 -11.50 10.05
CA GLU A 297 14.55 -10.42 10.77
C GLU A 297 13.48 -9.66 11.55
N PRO A 298 13.64 -9.57 12.88
CA PRO A 298 12.53 -9.08 13.70
C PRO A 298 12.28 -7.60 13.51
N GLY A 299 11.01 -7.22 13.47
CA GLY A 299 10.63 -5.85 13.21
C GLY A 299 10.86 -5.44 11.76
N ALA A 300 11.09 -6.41 10.88
CA ALA A 300 11.25 -6.15 9.46
C ALA A 300 10.02 -5.44 8.94
N LEU A 301 10.22 -4.26 8.35
CA LEU A 301 9.13 -3.47 7.80
C LEU A 301 8.80 -3.87 6.37
N MET A 302 7.53 -3.73 6.02
CA MET A 302 7.10 -3.90 4.65
C MET A 302 6.03 -2.83 4.36
N GLY A 303 6.00 -2.31 3.14
CA GLY A 303 5.12 -1.20 2.83
C GLY A 303 5.21 -0.75 1.40
N GLY A 304 4.83 0.51 1.14
CA GLY A 304 4.82 1.02 -0.22
C GLY A 304 5.34 2.43 -0.37
N VAL A 305 5.70 2.78 -1.59
CA VAL A 305 6.02 4.16 -1.94
C VAL A 305 5.21 4.53 -3.16
N THR A 306 4.40 5.56 -3.02
CA THR A 306 3.64 6.10 -4.13
C THR A 306 4.49 7.14 -4.82
N TYR A 307 4.59 7.02 -6.15
CA TYR A 307 5.26 8.01 -6.97
C TYR A 307 4.58 8.16 -8.33
N PHE A 308 4.98 9.19 -9.06
CA PHE A 308 4.32 9.51 -10.33
C PHE A 308 5.29 9.47 -11.49
N CYS A 309 4.84 8.84 -12.56
CA CYS A 309 5.65 8.64 -13.74
C CYS A 309 5.22 9.59 -14.85
N VAL A 310 6.10 9.79 -15.83
CA VAL A 310 5.80 10.62 -16.98
C VAL A 310 5.73 9.73 -18.23
N ASN A 311 4.75 10.00 -19.09
CA ASN A 311 4.66 9.35 -20.40
C ASN A 311 5.94 9.67 -21.20
N PRO A 312 6.55 8.65 -21.83
CA PRO A 312 7.74 8.92 -22.66
C PRO A 312 7.44 9.87 -23.83
N LYS A 313 6.17 9.92 -24.24
CA LYS A 313 5.70 10.77 -25.33
C LYS A 313 5.34 12.19 -24.86
N ALA A 314 5.68 12.55 -23.63
CA ALA A 314 5.22 13.80 -23.04
C ALA A 314 6.21 14.95 -23.11
N SER A 315 5.75 16.14 -22.75
CA SER A 315 6.50 17.38 -22.95
C SER A 315 7.05 17.92 -21.65
N GLN A 316 7.65 19.10 -21.72
CA GLN A 316 8.33 19.68 -20.56
C GLN A 316 7.35 20.05 -19.45
N THR A 317 6.10 20.35 -19.82
CA THR A 317 5.10 20.76 -18.83
C THR A 317 4.81 19.61 -17.84
N SER A 318 4.72 18.39 -18.37
CA SER A 318 4.59 17.19 -17.57
C SER A 318 5.73 17.01 -16.56
N ILE A 319 6.95 17.27 -17.02
CA ILE A 319 8.15 17.22 -16.17
C ILE A 319 8.06 18.21 -15.03
N ASP A 320 7.71 19.45 -15.37
CA ASP A 320 7.60 20.52 -14.38
C ASP A 320 6.49 20.22 -13.38
N PHE A 321 5.47 19.50 -13.81
CA PHE A 321 4.37 19.16 -12.93
C PHE A 321 4.84 18.19 -11.84
N VAL A 322 5.50 17.11 -12.22
CA VAL A 322 5.95 16.15 -11.20
C VAL A 322 6.99 16.76 -10.24
N ASN A 323 7.84 17.64 -10.74
CA ASN A 323 8.79 18.32 -9.85
C ASN A 323 8.09 19.21 -8.87
N TYR A 324 6.96 19.75 -9.30
CA TYR A 324 6.13 20.61 -8.47
C TYR A 324 5.60 19.81 -7.27
N MET A 325 5.27 18.54 -7.53
CA MET A 325 4.83 17.63 -6.47
C MET A 325 5.82 17.52 -5.32
N GLY A 326 7.11 17.50 -5.67
CA GLY A 326 8.16 17.29 -4.69
C GLY A 326 8.50 18.46 -3.79
N GLU A 327 8.00 19.64 -4.13
CA GLU A 327 8.33 20.81 -3.33
C GLU A 327 7.72 20.72 -1.93
N LYS A 328 8.45 21.24 -0.95
CA LYS A 328 8.16 20.99 0.45
C LYS A 328 6.77 21.41 0.88
N LYS A 329 6.31 22.55 0.38
CA LYS A 329 4.98 23.04 0.76
C LYS A 329 3.92 22.11 0.18
N ASN A 330 4.10 21.72 -1.07
CA ASN A 330 3.19 20.78 -1.71
C ASN A 330 3.15 19.42 -1.00
N GLN A 331 4.30 19.00 -0.48
CA GLN A 331 4.41 17.73 0.21
C GLN A 331 3.86 17.80 1.64
N GLU A 332 4.07 18.94 2.29
CA GLU A 332 3.43 19.20 3.61
C GLU A 332 1.92 19.20 3.51
N ASP A 333 1.41 19.81 2.44
CA ASP A 333 -0.02 19.78 2.17
C ASP A 333 -0.51 18.34 1.95
N TYR A 334 0.28 17.58 1.18
CA TYR A 334 0.00 16.19 0.92
C TYR A 334 -0.20 15.43 2.22
N ALA A 335 0.75 15.63 3.13
CA ALA A 335 0.75 14.95 4.41
C ALA A 335 -0.54 15.21 5.18
N LYS A 336 -1.04 16.45 5.11
CA LYS A 336 -2.25 16.84 5.85
C LYS A 336 -3.51 16.40 5.13
N ALA A 337 -3.53 16.58 3.81
CA ALA A 337 -4.66 16.14 2.99
C ALA A 337 -4.87 14.61 3.08
N PHE A 338 -3.81 13.85 2.85
CA PHE A 338 -3.93 12.40 2.84
C PHE A 338 -3.76 11.71 4.22
N SER A 339 -3.41 12.49 5.25
CA SER A 339 -3.08 11.93 6.58
C SER A 339 -2.05 10.80 6.49
N THR A 340 -0.94 11.08 5.82
CA THR A 340 0.07 10.08 5.58
C THR A 340 1.47 10.62 5.87
N ILE A 341 2.48 9.79 5.64
CA ILE A 341 3.86 10.25 5.70
C ILE A 341 4.30 10.70 4.31
N PRO A 342 4.64 12.00 4.15
CA PRO A 342 5.12 12.48 2.86
C PRO A 342 6.46 11.89 2.59
N ALA A 343 6.85 11.76 1.32
CA ALA A 343 8.17 11.24 0.95
C ALA A 343 9.28 12.17 1.41
N SER A 344 9.10 13.46 1.12
CA SER A 344 10.08 14.50 1.47
C SER A 344 10.39 14.48 2.95
N GLU A 345 11.65 14.23 3.29
CA GLU A 345 12.07 14.19 4.69
C GLU A 345 11.71 15.44 5.49
N PRO A 346 12.09 16.65 5.02
CA PRO A 346 11.73 17.86 5.79
C PRO A 346 10.22 18.13 5.93
N ALA A 347 9.42 17.62 5.01
CA ALA A 347 7.97 17.79 5.08
C ALA A 347 7.36 16.98 6.23
N ARG A 348 8.07 15.94 6.68
CA ARG A 348 7.55 15.04 7.70
C ARG A 348 7.39 15.72 9.06
N ALA A 349 8.10 16.84 9.23
CA ALA A 349 7.95 17.67 10.43
C ALA A 349 6.50 18.04 10.74
N VAL A 350 5.65 18.02 9.71
CA VAL A 350 4.28 18.50 9.79
C VAL A 350 3.28 17.41 10.26
N VAL A 351 3.79 16.18 10.36
CA VAL A 351 3.02 15.02 10.82
C VAL A 351 2.74 15.09 12.32
N THR A 352 1.46 15.10 12.68
CA THR A 352 1.07 15.27 14.08
C THR A 352 0.33 14.06 14.66
N ASP A 353 -0.12 13.15 13.80
CA ASP A 353 -0.88 11.98 14.22
C ASP A 353 -0.04 10.95 14.97
N GLU A 354 -0.47 10.62 16.19
CA GLU A 354 0.30 9.74 17.07
C GLU A 354 0.62 8.39 16.41
N SER A 355 -0.31 7.86 15.62
CA SER A 355 -0.09 6.57 14.97
C SER A 355 1.00 6.67 13.92
N LEU A 356 0.92 7.72 13.09
CA LEU A 356 1.92 7.98 12.08
C LEU A 356 3.26 8.28 12.72
N LYS A 357 3.25 8.89 13.90
CA LYS A 357 4.49 9.20 14.60
C LYS A 357 5.21 7.93 15.01
N GLN A 358 4.45 6.94 15.49
CA GLN A 358 5.03 5.64 15.81
C GLN A 358 5.65 5.05 14.56
N VAL A 359 4.89 5.05 13.47
CA VAL A 359 5.33 4.45 12.23
C VAL A 359 6.59 5.09 11.68
N ILE A 360 6.70 6.41 11.81
CA ILE A 360 7.92 7.10 11.39
C ILE A 360 9.11 6.62 12.23
N GLU A 361 8.89 6.48 13.54
CA GLU A 361 9.90 5.90 14.43
C GLU A 361 10.35 4.54 13.92
N TYR A 362 9.42 3.58 13.83
CA TYR A 362 9.73 2.27 13.24
C TYR A 362 10.42 2.37 11.87
N LEU A 363 9.99 3.36 11.08
CA LEU A 363 10.60 3.59 9.77
C LEU A 363 12.05 4.04 9.91
N ASP A 364 12.27 5.06 10.73
CA ASP A 364 13.60 5.64 10.92
C ASP A 364 14.67 4.64 11.38
N LYS A 365 14.26 3.60 12.10
CA LYS A 365 15.22 2.64 12.62
C LYS A 365 15.18 1.28 11.90
N ALA A 366 14.71 1.29 10.66
CA ALA A 366 14.58 0.07 9.90
C ALA A 366 15.80 -0.14 9.01
N PRO A 367 16.33 -1.38 8.98
CA PRO A 367 17.46 -1.71 8.11
C PRO A 367 17.06 -1.60 6.63
N SER A 368 15.77 -1.80 6.38
CA SER A 368 15.22 -1.79 5.03
C SER A 368 13.70 -1.79 5.10
N MET A 369 13.07 -1.73 3.93
CA MET A 369 11.65 -2.00 3.85
C MET A 369 11.34 -2.75 2.57
N GLN A 370 10.75 -3.94 2.69
CA GLN A 370 10.28 -4.68 1.53
C GLN A 370 9.02 -4.03 0.97
N LEU A 371 8.92 -3.97 -0.34
CA LEU A 371 7.73 -3.48 -1.01
C LEU A 371 6.65 -4.54 -0.82
N TRP A 372 5.39 -4.19 -1.09
CA TRP A 372 4.33 -5.17 -1.02
C TRP A 372 4.72 -6.37 -1.88
N MET A 373 4.42 -7.56 -1.36
CA MET A 373 4.80 -8.79 -1.98
C MET A 373 4.28 -8.93 -3.41
N ASP A 374 3.00 -8.61 -3.62
CA ASP A 374 2.45 -8.78 -4.96
C ASP A 374 3.03 -7.77 -5.90
N THR A 375 3.41 -6.62 -5.35
CA THR A 375 4.04 -5.58 -6.14
C THR A 375 5.46 -6.04 -6.51
N ALA A 376 6.12 -6.67 -5.55
CA ALA A 376 7.47 -7.14 -5.74
C ALA A 376 7.54 -8.28 -6.78
N LEU A 377 6.48 -9.09 -6.83
CA LEU A 377 6.48 -10.28 -7.68
C LEU A 377 5.94 -10.07 -9.09
N GLY A 378 5.30 -8.92 -9.33
CA GLY A 378 4.74 -8.63 -10.63
C GLY A 378 3.28 -9.03 -10.78
N THR A 379 2.70 -8.73 -11.94
CA THR A 379 1.30 -8.99 -12.27
C THR A 379 0.84 -10.44 -12.19
N ASN A 380 1.42 -11.33 -13.00
CA ASN A 380 1.01 -12.74 -13.01
C ASN A 380 1.10 -13.36 -11.64
N ILE A 381 2.25 -13.22 -11.00
CA ILE A 381 2.48 -13.93 -9.75
C ILE A 381 1.69 -13.29 -8.63
N GLY A 382 1.76 -11.97 -8.53
CA GLY A 382 0.96 -11.20 -7.60
C GLY A 382 -0.50 -11.60 -7.66
N ASN A 383 -1.07 -11.63 -8.87
CA ASN A 383 -2.49 -11.95 -9.01
C ASN A 383 -2.85 -13.37 -8.62
N ALA A 384 -2.08 -14.32 -9.12
CA ALA A 384 -2.27 -15.74 -8.80
C ALA A 384 -2.17 -15.97 -7.31
N LEU A 385 -1.23 -15.30 -6.67
CA LEU A 385 -1.04 -15.42 -5.23
C LEU A 385 -2.26 -14.86 -4.44
N ASN A 386 -2.58 -13.59 -4.69
CA ASN A 386 -3.72 -12.96 -4.05
C ASN A 386 -4.98 -13.82 -4.22
N ALA A 387 -5.18 -14.37 -5.41
CA ALA A 387 -6.35 -15.18 -5.68
C ALA A 387 -6.36 -16.49 -4.92
N ALA A 388 -5.19 -17.10 -4.71
CA ALA A 388 -5.11 -18.41 -4.07
C ALA A 388 -5.31 -18.28 -2.58
N VAL A 389 -4.81 -17.18 -2.02
CA VAL A 389 -4.98 -16.93 -0.59
C VAL A 389 -6.45 -16.80 -0.29
N VAL A 390 -7.15 -16.13 -1.20
CA VAL A 390 -8.59 -16.00 -1.09
C VAL A 390 -9.24 -17.38 -1.18
N ASN A 391 -8.84 -18.18 -2.16
CA ASN A 391 -9.31 -19.57 -2.26
C ASN A 391 -9.21 -20.40 -0.99
N MET A 392 -8.10 -20.28 -0.28
CA MET A 392 -7.93 -21.13 0.87
C MET A 392 -8.70 -20.60 2.06
N LEU A 393 -8.92 -19.28 2.09
CA LEU A 393 -9.73 -18.66 3.13
C LEU A 393 -11.20 -18.98 2.96
N SER A 394 -11.58 -19.31 1.74
CA SER A 394 -12.97 -19.64 1.46
C SER A 394 -13.16 -21.14 1.45
N GLY A 395 -12.12 -21.85 1.89
CA GLY A 395 -12.19 -23.29 2.05
C GLY A 395 -11.97 -24.08 0.78
N GLN A 396 -11.57 -23.42 -0.29
CA GLN A 396 -11.36 -24.11 -1.57
C GLN A 396 -9.88 -24.12 -1.97
N GLY A 397 -9.01 -24.44 -1.03
CA GLY A 397 -7.59 -24.36 -1.27
C GLY A 397 -6.80 -24.52 0.00
N SER A 398 -5.51 -24.80 -0.14
CA SER A 398 -4.66 -25.15 1.00
C SER A 398 -3.46 -24.22 1.02
N PRO A 399 -2.63 -24.29 2.09
CA PRO A 399 -1.35 -23.58 2.04
C PRO A 399 -0.48 -24.02 0.85
N GLU A 400 -0.53 -25.31 0.53
CA GLU A 400 0.24 -25.85 -0.57
C GLU A 400 -0.24 -25.30 -1.91
N ASP A 401 -1.54 -25.07 -2.01
CA ASP A 401 -2.13 -24.54 -3.23
C ASP A 401 -1.71 -23.10 -3.54
N ILE A 402 -1.41 -22.34 -2.50
CA ILE A 402 -0.90 -20.99 -2.69
C ILE A 402 0.46 -21.03 -3.37
N VAL A 403 1.36 -21.83 -2.81
CA VAL A 403 2.68 -22.04 -3.41
C VAL A 403 2.58 -22.55 -4.85
N LYS A 404 1.80 -23.61 -5.06
CA LYS A 404 1.54 -24.13 -6.41
C LYS A 404 1.18 -23.01 -7.38
N ALA A 405 0.24 -22.15 -6.97
CA ALA A 405 -0.26 -21.12 -7.88
C ALA A 405 0.86 -20.17 -8.30
N MET A 406 1.62 -19.67 -7.32
CA MET A 406 2.75 -18.79 -7.63
C MET A 406 3.72 -19.45 -8.58
N GLN A 407 4.07 -20.72 -8.30
CA GLN A 407 5.04 -21.45 -9.12
C GLN A 407 4.53 -21.57 -10.54
N ASP A 408 3.23 -21.84 -10.66
CA ASP A 408 2.61 -22.02 -11.98
C ASP A 408 2.70 -20.74 -12.79
N ALA A 409 2.29 -19.63 -12.18
CA ALA A 409 2.31 -18.32 -12.85
C ALA A 409 3.73 -17.89 -13.19
N ALA A 410 4.67 -18.26 -12.34
CA ALA A 410 6.07 -17.90 -12.53
C ALA A 410 6.65 -18.45 -13.83
N GLN A 411 6.08 -19.53 -14.38
CA GLN A 411 6.62 -20.13 -15.60
C GLN A 411 6.55 -19.18 -16.78
N LYS A 412 5.68 -18.17 -16.67
CA LYS A 412 5.54 -17.17 -17.73
C LYS A 412 6.67 -16.11 -17.75
N GLY A 413 7.37 -15.96 -16.61
CA GLY A 413 8.37 -14.93 -16.46
C GLY A 413 8.03 -13.88 -15.41
O1 XYP B . -7.36 8.84 -1.50
C1 XYP B . -6.91 7.66 -0.95
C2 XYP B . -7.38 6.49 -1.76
C3 XYP B . -6.89 5.06 -1.53
C4 XYP B . -5.37 5.17 -1.44
C5 XYP B . -4.89 6.42 -0.75
O2 XYP B . -8.74 6.57 -1.97
O3 XYP B . -7.31 4.21 -2.54
O4 XYP B . -4.80 4.08 -0.81
O5 XYP B . -5.52 7.63 -0.91
C1 XYP B . -4.44 3.08 -1.78
C2 XYP B . -3.00 3.19 -2.16
C3 XYP B . -2.31 2.12 -3.00
C4 XYP B . -2.59 0.80 -2.32
C5 XYP B . -3.99 0.70 -1.76
O2 XYP B . -2.69 4.47 -2.59
O3 XYP B . -0.96 2.35 -3.15
O4 XYP B . -2.52 -0.18 -3.28
O5 XYP B . -4.72 1.80 -1.35
C1 XYP B . -2.29 -1.47 -2.70
C2 XYP B . -2.22 -2.46 -3.82
C3 XYP B . -1.98 -3.94 -3.64
C4 XYP B . -0.81 -4.04 -2.67
C5 XYP B . -0.76 -2.93 -1.63
O2 XYP B . -3.22 -2.21 -4.76
O3 XYP B . -1.70 -4.57 -4.83
O4 XYP B . -0.85 -5.26 -2.03
O5 XYP B . -1.17 -1.64 -1.90
OH2 1PE C . -18.41 -7.57 -8.78
C12 1PE C . -19.60 -8.15 -9.16
C22 1PE C . -20.22 -8.92 -8.03
OH3 1PE C . -19.26 -9.31 -7.12
C13 1PE C . -20.79 -9.32 -5.35
C23 1PE C . -19.62 -10.01 -5.98
OH4 1PE C . -20.49 -9.02 -4.03
C14 1PE C . -19.99 -6.94 -3.08
C24 1PE C . -21.06 -7.90 -3.49
OH5 1PE C . -20.16 -5.74 -3.74
C15 1PE C . -19.25 -3.90 -4.89
C25 1PE C . -19.20 -4.76 -3.67
OH6 1PE C . -18.04 -3.97 -5.53
C16 1PE C . -17.38 -4.65 -7.71
C26 1PE C . -17.91 -3.54 -6.84
OH7 1PE C . -16.01 -4.75 -7.57
OH2 1PE D . -14.76 -0.22 -14.24
C12 1PE D . -14.37 0.86 -14.99
C22 1PE D . -14.85 2.12 -14.35
OH3 1PE D . -14.63 3.22 -15.17
C13 1PE D . -13.42 5.10 -14.34
C23 1PE D . -14.75 4.52 -14.68
OH4 1PE D . -13.28 6.35 -14.91
C14 1PE D . -11.07 6.48 -15.69
C24 1PE D . -12.11 7.08 -14.80
OH5 1PE D . -10.78 7.28 -16.78
C15 1PE D . -9.88 6.04 -18.58
C25 1PE D . -11.04 6.83 -18.05
OH6 1PE D . -10.35 4.97 -19.33
C16 1PE D . -11.97 3.35 -19.98
C26 1PE D . -11.70 4.65 -19.28
OH7 1PE D . -12.27 2.35 -19.06
#